data_4OZV
#
_entry.id   4OZV
#
_cell.length_a   56.384
_cell.length_b   59.576
_cell.length_c   102.096
_cell.angle_alpha   90.000
_cell.angle_beta   90.000
_cell.angle_gamma   90.000
#
_symmetry.space_group_name_H-M   'P 21 21 21'
#
loop_
_entity.id
_entity.type
_entity.pdbx_description
1 polymer 'Alginate lyase'
2 non-polymer 'beta-D-mannopyranuronic acid'
3 water water
#
_entity_poly.entity_id   1
_entity_poly.type   'polypeptide(L)'
_entity_poly.pdbx_seq_one_letter_code
;ADLVPPPGYYAAVGERKGSAGSCPAVPPPYTGSLVFTSKYEGSDSARATLNVKAEKTFRSQIKDITDMERGATKLVTQYM
RSGRDGDLACALNWMSAWARAGALQSDDFNHTGKSMRKWALGSLSGAYMRLKFSSSRPLAAHAEQSREIEDWFARLGTQV
VRDWSGLPLKKINNHSYWAAWSVMSTAVVTNRRDLFDWAVSEFKVAANQVDEQGFLPNELKRRQRALAYHNYALPPLAMI
AAFAQVNGVDLRQENHGALQRLAERVMKGVDDEETFEEKTGEDQDMTDLKVDNKYAWLEPYCALYRCEPKMLEAKKDREP
FNSFRLGGEVTRVFS
;
_entity_poly.pdbx_strand_id   A
#
# COMPACT_ATOMS: atom_id res chain seq x y z
N ALA A 1 -1.24 3.42 -24.83
CA ALA A 1 -2.60 3.26 -24.31
C ALA A 1 -2.72 3.83 -22.90
N ASP A 2 -3.86 4.42 -22.60
CA ASP A 2 -4.13 4.95 -21.28
C ASP A 2 -4.03 3.86 -20.23
N LEU A 3 -3.54 4.22 -19.05
CA LEU A 3 -3.40 3.28 -17.94
C LEU A 3 -4.75 2.93 -17.34
N VAL A 4 -4.91 1.68 -16.94
CA VAL A 4 -6.17 1.20 -16.38
C VAL A 4 -5.89 0.39 -15.12
N PRO A 5 -6.88 0.31 -14.22
CA PRO A 5 -6.76 -0.62 -13.10
C PRO A 5 -7.33 -1.99 -13.47
N PRO A 6 -7.15 -2.98 -12.60
CA PRO A 6 -7.86 -4.27 -12.82
C PRO A 6 -9.37 -4.04 -12.92
N PRO A 7 -10.07 -4.89 -13.68
CA PRO A 7 -11.48 -4.66 -14.00
C PRO A 7 -12.42 -4.51 -12.80
N GLY A 8 -12.06 -5.10 -11.65
CA GLY A 8 -12.90 -4.96 -10.46
C GLY A 8 -13.06 -3.53 -9.98
N TYR A 9 -12.12 -2.65 -10.35
CA TYR A 9 -12.23 -1.24 -9.98
C TYR A 9 -13.28 -0.50 -10.79
N TYR A 10 -13.85 -1.16 -11.79
CA TYR A 10 -14.94 -0.54 -12.55
C TYR A 10 -16.33 -0.86 -11.99
N ALA A 11 -16.39 -1.55 -10.85
CA ALA A 11 -17.68 -1.95 -10.27
C ALA A 11 -18.58 -0.74 -9.98
N ALA A 12 -19.87 -0.91 -10.25
CA ALA A 12 -20.84 0.13 -9.90
C ALA A 12 -20.88 0.39 -8.40
N VAL A 13 -21.17 1.63 -8.05
CA VAL A 13 -21.46 2.00 -6.67
C VAL A 13 -22.62 1.16 -6.14
N GLY A 14 -22.46 0.60 -4.95
CA GLY A 14 -23.45 -0.30 -4.38
C GLY A 14 -24.63 0.41 -3.75
N GLU A 15 -25.57 -0.39 -3.23
CA GLU A 15 -26.73 0.21 -2.57
C GLU A 15 -27.19 -0.59 -1.35
N ARG A 16 -26.24 -1.23 -0.68
CA ARG A 16 -26.50 -1.95 0.56
C ARG A 16 -27.04 -1.00 1.63
N LYS A 17 -28.08 -1.44 2.34
CA LYS A 17 -28.65 -0.64 3.41
C LYS A 17 -27.93 -0.93 4.71
N ALA A 20 -26.05 5.01 8.08
CA ALA A 20 -25.87 6.34 7.50
C ALA A 20 -25.11 7.26 8.43
N GLY A 21 -23.79 7.31 8.24
CA GLY A 21 -22.94 8.17 9.06
C GLY A 21 -22.94 9.62 8.60
N SER A 22 -22.41 10.51 9.43
CA SER A 22 -22.31 11.91 9.07
C SER A 22 -20.91 12.24 8.57
N CYS A 23 -20.70 13.50 8.21
CA CYS A 23 -19.41 13.93 7.68
C CYS A 23 -18.61 14.67 8.73
N PRO A 24 -17.61 14.02 9.32
CA PRO A 24 -16.77 14.68 10.32
C PRO A 24 -15.88 15.76 9.70
N ALA A 25 -15.38 16.69 10.52
CA ALA A 25 -14.52 17.74 10.02
C ALA A 25 -13.26 17.11 9.44
N VAL A 26 -12.74 17.69 8.36
CA VAL A 26 -11.50 17.17 7.77
C VAL A 26 -10.37 17.37 8.76
N PRO A 27 -9.48 16.37 8.90
CA PRO A 27 -8.26 16.60 9.68
C PRO A 27 -7.51 17.78 9.11
N PRO A 28 -6.95 18.64 9.97
CA PRO A 28 -6.15 19.77 9.48
C PRO A 28 -5.09 19.27 8.50
N PRO A 29 -5.06 19.82 7.28
CA PRO A 29 -4.03 19.43 6.30
C PRO A 29 -2.63 19.51 6.87
N TYR A 30 -1.85 18.44 6.70
CA TYR A 30 -0.53 18.40 7.29
C TYR A 30 0.48 19.05 6.34
N THR A 31 0.91 20.25 6.71
CA THR A 31 1.84 21.01 5.87
C THR A 31 3.18 21.18 6.55
N GLY A 32 3.37 20.50 7.68
CA GLY A 32 4.59 20.65 8.45
C GLY A 32 5.74 19.88 7.86
N SER A 33 6.89 19.92 8.53
CA SER A 33 8.00 19.11 8.07
C SER A 33 7.70 17.64 8.38
N LEU A 34 8.34 16.75 7.61
CA LEU A 34 8.11 15.33 7.78
C LEU A 34 9.31 14.71 8.47
N VAL A 35 9.65 15.26 9.63
CA VAL A 35 10.73 14.74 10.45
C VAL A 35 10.12 14.13 11.70
N PHE A 36 10.02 12.80 11.70
CA PHE A 36 9.31 12.08 12.76
C PHE A 36 10.22 11.10 13.49
N THR A 37 9.80 10.75 14.70
CA THR A 37 10.49 9.74 15.51
C THR A 37 10.19 8.33 15.01
N SER A 38 11.21 7.47 14.99
CA SER A 38 11.03 6.08 14.61
C SER A 38 10.59 5.25 15.80
N LYS A 39 9.63 4.35 15.58
CA LYS A 39 9.14 3.52 16.68
C LYS A 39 10.21 2.53 17.14
N TYR A 40 11.27 2.38 16.35
CA TYR A 40 12.36 1.48 16.69
C TYR A 40 13.58 2.25 17.21
N GLU A 41 13.36 3.50 17.60
CA GLU A 41 14.45 4.35 18.07
C GLU A 41 15.23 3.70 19.21
N GLY A 42 16.54 3.58 19.03
CA GLY A 42 17.41 2.98 20.04
C GLY A 42 17.81 1.55 19.75
N SER A 43 17.20 0.94 18.73
CA SER A 43 17.51 -0.45 18.37
C SER A 43 18.90 -0.58 17.76
N ASP A 44 19.39 -1.81 17.66
CA ASP A 44 20.62 -2.07 16.91
C ASP A 44 20.32 -2.12 15.42
N SER A 45 21.21 -2.73 14.65
CA SER A 45 21.11 -2.73 13.19
C SER A 45 19.90 -3.52 12.68
N ALA A 46 19.37 -4.40 13.51
CA ALA A 46 18.21 -5.21 13.11
C ALA A 46 16.95 -4.35 13.09
N ARG A 47 17.01 -3.20 13.77
CA ARG A 47 15.87 -2.28 13.87
C ARG A 47 14.58 -3.00 14.22
N ALA A 48 14.64 -3.87 15.23
CA ALA A 48 13.51 -4.73 15.55
C ALA A 48 13.12 -4.65 17.02
N THR A 49 13.76 -3.76 17.77
CA THR A 49 13.42 -3.55 19.17
C THR A 49 12.44 -2.39 19.33
N LEU A 50 11.20 -2.71 19.68
CA LEU A 50 10.18 -1.68 19.82
C LEU A 50 10.52 -0.74 20.98
N ASN A 51 10.40 0.56 20.73
CA ASN A 51 10.58 1.59 21.74
C ASN A 51 9.21 2.21 22.02
N VAL A 52 8.55 1.73 23.06
CA VAL A 52 7.15 2.07 23.33
C VAL A 52 6.95 3.58 23.44
N LYS A 53 7.90 4.26 24.06
CA LYS A 53 7.83 5.71 24.22
C LYS A 53 7.95 6.41 22.86
N ALA A 54 8.95 6.01 22.09
CA ALA A 54 9.15 6.55 20.74
C ALA A 54 7.94 6.30 19.85
N GLU A 55 7.38 5.09 19.93
CA GLU A 55 6.21 4.75 19.14
C GLU A 55 5.03 5.66 19.48
N LYS A 56 4.85 5.92 20.78
CA LYS A 56 3.81 6.82 21.26
C LYS A 56 4.00 8.20 20.66
N THR A 57 5.24 8.70 20.71
CA THR A 57 5.57 9.99 20.13
C THR A 57 5.32 10.00 18.61
N PHE A 58 5.80 8.97 17.92
CA PHE A 58 5.56 8.76 16.49
C PHE A 58 4.08 8.87 16.13
N ARG A 59 3.24 8.04 16.75
CA ARG A 59 1.81 8.01 16.49
C ARG A 59 1.14 9.38 16.75
N SER A 60 1.64 10.09 17.75
CA SER A 60 1.11 11.41 18.06
C SER A 60 1.48 12.42 16.97
N GLN A 61 2.74 12.39 16.56
CA GLN A 61 3.24 13.29 15.52
C GLN A 61 2.46 13.16 14.22
N ILE A 62 2.03 11.94 13.91
CA ILE A 62 1.40 11.66 12.63
C ILE A 62 -0.12 11.57 12.75
N LYS A 63 -0.68 11.95 13.90
CA LYS A 63 -2.09 11.77 14.18
C LYS A 63 -3.02 12.29 13.09
N ASP A 64 -2.78 13.50 12.59
CA ASP A 64 -3.65 14.06 11.57
C ASP A 64 -3.54 13.28 10.25
N ILE A 65 -2.34 12.77 9.97
CA ILE A 65 -2.14 11.99 8.75
C ILE A 65 -2.86 10.65 8.86
N THR A 66 -2.70 9.99 10.01
CA THR A 66 -3.41 8.74 10.31
C THR A 66 -4.93 8.91 10.21
N ASP A 67 -5.45 9.97 10.81
CA ASP A 67 -6.89 10.22 10.80
C ASP A 67 -7.37 10.42 9.36
N MET A 68 -6.59 11.16 8.58
CA MET A 68 -6.87 11.37 7.17
C MET A 68 -6.90 10.06 6.38
N GLU A 69 -5.84 9.27 6.51
CA GLU A 69 -5.75 7.97 5.84
C GLU A 69 -6.93 7.07 6.14
N ARG A 70 -7.17 6.84 7.43
CA ARG A 70 -8.24 5.94 7.84
C ARG A 70 -9.62 6.51 7.54
N GLY A 71 -9.81 7.79 7.84
CA GLY A 71 -11.11 8.42 7.63
C GLY A 71 -11.54 8.54 6.18
N ALA A 72 -10.62 8.94 5.31
CA ALA A 72 -10.99 9.15 3.91
C ALA A 72 -11.23 7.81 3.23
N THR A 73 -10.42 6.80 3.53
CA THR A 73 -10.65 5.50 2.92
C THR A 73 -11.96 4.90 3.42
N LYS A 74 -12.26 5.14 4.70
CA LYS A 74 -13.51 4.66 5.28
C LYS A 74 -14.71 5.28 4.57
N LEU A 75 -14.66 6.58 4.33
CA LEU A 75 -15.72 7.27 3.60
C LEU A 75 -15.92 6.72 2.18
N VAL A 76 -14.82 6.49 1.46
CA VAL A 76 -14.93 5.92 0.13
C VAL A 76 -15.53 4.52 0.19
N THR A 77 -15.10 3.72 1.18
CA THR A 77 -15.62 2.37 1.32
C THR A 77 -17.11 2.40 1.59
N GLN A 78 -17.52 3.29 2.49
CA GLN A 78 -18.94 3.43 2.80
C GLN A 78 -19.74 3.79 1.55
N TYR A 79 -19.21 4.73 0.77
CA TYR A 79 -19.88 5.14 -0.46
C TYR A 79 -19.97 4.02 -1.47
N MET A 80 -18.86 3.30 -1.67
CA MET A 80 -18.93 2.22 -2.64
C MET A 80 -19.86 1.10 -2.19
N ARG A 81 -20.02 0.95 -0.88
CA ARG A 81 -20.92 -0.09 -0.36
C ARG A 81 -22.38 0.28 -0.51
N SER A 82 -22.73 1.52 -0.13
CA SER A 82 -24.13 1.91 0.08
C SER A 82 -24.64 3.05 -0.81
N GLY A 83 -23.73 3.81 -1.41
CA GLY A 83 -24.09 4.79 -2.41
C GLY A 83 -24.79 6.05 -1.93
N ARG A 84 -24.60 6.39 -0.66
CA ARG A 84 -25.15 7.65 -0.13
C ARG A 84 -24.29 8.81 -0.59
N ASP A 85 -24.88 9.74 -1.35
CA ASP A 85 -24.10 10.85 -1.94
C ASP A 85 -23.31 11.63 -0.89
N GLY A 86 -23.86 11.76 0.33
CA GLY A 86 -23.17 12.46 1.39
C GLY A 86 -21.78 11.92 1.70
N ASP A 87 -21.62 10.60 1.57
CA ASP A 87 -20.32 9.97 1.82
C ASP A 87 -19.31 10.31 0.72
N LEU A 88 -19.78 10.32 -0.52
CA LEU A 88 -18.94 10.75 -1.65
C LEU A 88 -18.53 12.20 -1.47
N ALA A 89 -19.52 13.05 -1.15
CA ALA A 89 -19.24 14.47 -0.98
C ALA A 89 -18.21 14.69 0.12
N CYS A 90 -18.35 13.95 1.22
CA CYS A 90 -17.45 14.07 2.36
C CYS A 90 -16.03 13.63 2.01
N ALA A 91 -15.92 12.46 1.39
CA ALA A 91 -14.61 11.95 0.98
C ALA A 91 -13.90 12.95 0.07
N LEU A 92 -14.62 13.51 -0.88
CA LEU A 92 -13.98 14.44 -1.82
C LEU A 92 -13.63 15.74 -1.14
N ASN A 93 -14.46 16.15 -0.18
CA ASN A 93 -14.15 17.35 0.59
C ASN A 93 -12.87 17.18 1.40
N TRP A 94 -12.69 16.02 2.02
CA TRP A 94 -11.49 15.73 2.78
C TRP A 94 -10.26 15.74 1.88
N MET A 95 -10.30 14.96 0.80
CA MET A 95 -9.14 14.84 -0.07
C MET A 95 -8.81 16.16 -0.77
N SER A 96 -9.82 16.88 -1.24
CA SER A 96 -9.52 18.11 -1.95
C SER A 96 -9.01 19.21 -1.01
N ALA A 97 -9.41 19.19 0.26
CA ALA A 97 -8.86 20.12 1.27
C ALA A 97 -7.36 19.91 1.44
N TRP A 98 -6.96 18.65 1.52
CA TRP A 98 -5.54 18.34 1.66
C TRP A 98 -4.79 18.66 0.36
N ALA A 99 -5.45 18.41 -0.77
CA ALA A 99 -4.87 18.71 -2.08
C ALA A 99 -4.62 20.21 -2.26
N ARG A 100 -5.64 21.01 -2.02
CA ARG A 100 -5.52 22.45 -2.17
C ARG A 100 -4.47 23.02 -1.23
N ALA A 101 -4.35 22.45 -0.04
CA ALA A 101 -3.37 22.93 0.93
C ALA A 101 -1.95 22.53 0.55
N GLY A 102 -1.81 21.52 -0.30
CA GLY A 102 -0.52 20.97 -0.64
C GLY A 102 0.08 20.22 0.53
N ALA A 103 -0.74 19.45 1.22
CA ALA A 103 -0.27 18.65 2.36
C ALA A 103 0.74 17.57 1.95
N LEU A 104 1.60 17.21 2.90
CA LEU A 104 2.60 16.15 2.76
C LEU A 104 3.67 16.43 1.70
N GLN A 105 3.84 17.69 1.29
CA GLN A 105 4.78 18.00 0.22
C GLN A 105 6.14 18.47 0.73
N SER A 106 6.36 18.40 2.03
CA SER A 106 7.58 18.99 2.62
C SER A 106 8.88 18.42 2.04
N ASP A 107 9.83 19.31 1.74
CA ASP A 107 11.17 18.90 1.34
C ASP A 107 12.05 18.65 2.56
N ASP A 108 11.50 18.90 3.75
CA ASP A 108 12.19 18.66 5.01
CA ASP A 108 12.20 18.65 5.00
C ASP A 108 11.71 17.33 5.59
N PHE A 109 12.51 16.28 5.46
CA PHE A 109 12.05 14.97 5.90
C PHE A 109 13.18 14.06 6.32
N ASN A 110 12.88 13.10 7.18
CA ASN A 110 13.80 12.01 7.45
C ASN A 110 13.18 10.72 6.94
N HIS A 111 13.79 9.58 7.23
CA HIS A 111 13.31 8.31 6.68
C HIS A 111 11.87 8.02 7.07
N THR A 112 11.55 8.25 8.35
CA THR A 112 10.21 7.98 8.86
C THR A 112 9.17 8.90 8.19
N GLY A 113 9.55 10.16 8.00
CA GLY A 113 8.66 11.12 7.37
C GLY A 113 8.37 10.83 5.91
N LYS A 114 9.38 10.46 5.15
CA LYS A 114 9.10 10.14 3.75
C LYS A 114 8.30 8.84 3.67
N SER A 115 8.47 7.96 4.65
CA SER A 115 7.65 6.76 4.73
C SER A 115 6.18 7.13 4.92
N MET A 116 5.91 8.17 5.69
CA MET A 116 4.52 8.62 5.90
C MET A 116 3.94 9.20 4.62
N ARG A 117 4.75 9.91 3.86
CA ARG A 117 4.27 10.48 2.62
C ARG A 117 3.81 9.37 1.67
N LYS A 118 4.61 8.32 1.50
CA LYS A 118 4.22 7.29 0.54
C LYS A 118 3.07 6.44 1.08
N TRP A 119 3.00 6.25 2.40
CA TRP A 119 1.89 5.46 2.95
C TRP A 119 0.56 6.16 2.73
N ALA A 120 0.51 7.45 3.01
CA ALA A 120 -0.74 8.20 2.84
C ALA A 120 -1.11 8.28 1.37
N LEU A 121 -0.13 8.43 0.49
CA LEU A 121 -0.41 8.53 -0.93
C LEU A 121 -1.05 7.24 -1.43
N GLY A 122 -0.51 6.10 -0.99
CA GLY A 122 -1.03 4.81 -1.39
C GLY A 122 -2.45 4.60 -0.88
N SER A 123 -2.71 5.00 0.35
CA SER A 123 -4.05 4.81 0.93
C SER A 123 -5.09 5.62 0.17
N LEU A 124 -4.79 6.90 0.01
CA LEU A 124 -5.76 7.82 -0.57
C LEU A 124 -5.96 7.58 -2.06
N SER A 125 -4.87 7.34 -2.80
CA SER A 125 -5.02 7.13 -4.23
C SER A 125 -5.66 5.77 -4.48
N GLY A 126 -5.36 4.81 -3.62
CA GLY A 126 -5.90 3.46 -3.74
C GLY A 126 -7.41 3.45 -3.59
N ALA A 127 -7.90 4.30 -2.69
CA ALA A 127 -9.34 4.43 -2.45
C ALA A 127 -9.99 5.20 -3.59
N TYR A 128 -9.36 6.33 -3.93
CA TYR A 128 -9.83 7.21 -5.01
C TYR A 128 -9.97 6.46 -6.33
N MET A 129 -9.09 5.46 -6.55
CA MET A 129 -9.14 4.62 -7.74
C MET A 129 -10.53 4.07 -8.02
N ARG A 130 -11.23 3.68 -6.96
CA ARG A 130 -12.57 3.12 -7.12
C ARG A 130 -13.55 4.18 -7.60
N LEU A 131 -13.42 5.39 -7.05
CA LEU A 131 -14.28 6.49 -7.48
C LEU A 131 -14.01 6.83 -8.93
N LYS A 132 -12.73 6.82 -9.29
CA LYS A 132 -12.30 7.25 -10.61
C LYS A 132 -12.81 6.32 -11.70
N PHE A 133 -12.74 5.01 -11.47
CA PHE A 133 -13.05 4.08 -12.53
C PHE A 133 -14.41 3.37 -12.43
N SER A 134 -15.13 3.59 -11.33
CA SER A 134 -16.46 2.99 -11.17
C SER A 134 -17.35 3.25 -12.39
N SER A 135 -18.04 2.21 -12.85
CA SER A 135 -18.99 2.38 -13.95
C SER A 135 -20.08 3.42 -13.66
N SER A 136 -20.28 3.74 -12.38
CA SER A 136 -21.27 4.74 -11.96
C SER A 136 -20.84 6.16 -12.27
N ARG A 137 -19.55 6.31 -12.58
CA ARG A 137 -18.91 7.61 -12.80
C ARG A 137 -19.26 8.66 -11.74
N PRO A 138 -19.02 8.34 -10.45
CA PRO A 138 -19.42 9.31 -9.43
C PRO A 138 -18.68 10.65 -9.49
N LEU A 139 -17.51 10.69 -10.10
CA LEU A 139 -16.75 11.95 -10.15
C LEU A 139 -17.23 12.92 -11.24
N ALA A 140 -18.18 12.47 -12.06
CA ALA A 140 -18.71 13.27 -13.16
C ALA A 140 -19.20 14.64 -12.70
N ALA A 141 -19.83 14.67 -11.54
CA ALA A 141 -20.39 15.91 -11.00
C ALA A 141 -19.39 16.66 -10.12
N HIS A 142 -18.14 16.24 -10.10
CA HIS A 142 -17.16 16.81 -9.20
C HIS A 142 -15.84 17.05 -9.90
N ALA A 143 -15.90 17.64 -11.08
CA ALA A 143 -14.72 17.76 -11.91
C ALA A 143 -13.62 18.63 -11.28
N GLU A 144 -14.00 19.75 -10.66
CA GLU A 144 -13.03 20.68 -10.09
C GLU A 144 -12.25 20.03 -8.96
N GLN A 145 -12.99 19.40 -8.05
CA GLN A 145 -12.35 18.68 -6.94
C GLN A 145 -11.51 17.51 -7.44
N SER A 146 -12.02 16.78 -8.44
CA SER A 146 -11.28 15.66 -9.03
C SER A 146 -9.93 16.12 -9.54
N ARG A 147 -9.93 17.23 -10.29
CA ARG A 147 -8.69 17.75 -10.86
C ARG A 147 -7.72 18.14 -9.75
N GLU A 148 -8.22 18.81 -8.72
CA GLU A 148 -7.38 19.22 -7.58
CA GLU A 148 -7.38 19.22 -7.59
C GLU A 148 -6.74 18.01 -6.91
N ILE A 149 -7.55 16.99 -6.64
CA ILE A 149 -7.05 15.80 -5.98
C ILE A 149 -6.01 15.05 -6.83
N GLU A 150 -6.31 14.89 -8.12
CA GLU A 150 -5.41 14.15 -9.02
C GLU A 150 -4.10 14.89 -9.23
N ASP A 151 -4.15 16.23 -9.29
CA ASP A 151 -2.90 16.98 -9.42
C ASP A 151 -2.03 16.82 -8.19
N TRP A 152 -2.67 16.78 -7.02
CA TRP A 152 -1.95 16.59 -5.77
C TRP A 152 -1.31 15.21 -5.72
N PHE A 153 -2.06 14.19 -6.13
CA PHE A 153 -1.50 12.84 -6.17
C PHE A 153 -0.28 12.83 -7.08
N ALA A 154 -0.40 13.48 -8.24
CA ALA A 154 0.72 13.52 -9.19
C ALA A 154 1.96 14.20 -8.58
N ARG A 155 1.77 15.30 -7.86
CA ARG A 155 2.88 15.97 -7.20
C ARG A 155 3.51 15.06 -6.15
N LEU A 156 2.68 14.41 -5.35
CA LEU A 156 3.21 13.51 -4.32
C LEU A 156 3.91 12.32 -4.94
N GLY A 157 3.35 11.80 -6.04
CA GLY A 157 3.90 10.61 -6.69
C GLY A 157 5.29 10.91 -7.22
N THR A 158 5.45 12.10 -7.81
CA THR A 158 6.77 12.51 -8.33
C THR A 158 7.76 12.60 -7.19
N GLN A 159 7.30 13.12 -6.07
CA GLN A 159 8.11 13.25 -4.87
CA GLN A 159 8.14 13.25 -4.89
C GLN A 159 8.50 11.89 -4.29
N VAL A 160 7.56 10.95 -4.27
CA VAL A 160 7.86 9.64 -3.72
C VAL A 160 8.96 8.94 -4.57
N VAL A 161 8.91 9.13 -5.89
CA VAL A 161 9.96 8.57 -6.76
C VAL A 161 11.31 9.18 -6.36
N ARG A 162 11.33 10.49 -6.12
CA ARG A 162 12.56 11.14 -5.66
C ARG A 162 13.06 10.56 -4.33
N ASP A 163 12.13 10.36 -3.40
CA ASP A 163 12.41 9.87 -2.05
C ASP A 163 13.09 8.51 -2.00
N TRP A 164 12.78 7.65 -2.97
CA TRP A 164 13.26 6.26 -2.91
C TRP A 164 14.13 5.92 -4.11
N SER A 165 14.57 6.92 -4.87
CA SER A 165 15.49 6.65 -5.97
C SER A 165 16.95 6.76 -5.53
N GLY A 166 17.84 6.17 -6.32
CA GLY A 166 19.26 6.30 -6.07
C GLY A 166 19.82 5.45 -4.94
N LEU A 167 19.07 4.45 -4.51
CA LEU A 167 19.48 3.61 -3.39
C LEU A 167 20.17 2.33 -3.86
N PRO A 168 21.14 1.84 -3.08
CA PRO A 168 21.71 0.51 -3.33
C PRO A 168 20.81 -0.59 -2.77
N LEU A 169 21.04 -1.84 -3.14
CA LEU A 169 20.13 -2.92 -2.68
C LEU A 169 19.98 -3.02 -1.16
N LYS A 170 21.04 -2.76 -0.41
CA LYS A 170 20.96 -2.93 1.04
C LYS A 170 20.00 -1.92 1.68
N LYS A 171 19.65 -0.87 0.94
CA LYS A 171 18.72 0.12 1.45
C LYS A 171 17.35 0.02 0.79
N ILE A 172 17.18 -1.01 -0.04
CA ILE A 172 15.90 -1.22 -0.71
C ILE A 172 15.16 -2.38 -0.02
N ASN A 173 14.16 -2.06 0.78
CA ASN A 173 13.44 -3.09 1.50
C ASN A 173 11.93 -2.87 1.36
N ASN A 174 11.13 -3.41 2.27
CA ASN A 174 9.69 -3.30 2.12
CA ASN A 174 9.67 -3.26 2.21
C ASN A 174 9.22 -1.85 1.93
N HIS A 175 9.95 -0.87 2.45
CA HIS A 175 9.54 0.52 2.26
C HIS A 175 9.53 0.92 0.79
N SER A 176 10.55 0.48 0.05
CA SER A 176 10.55 0.75 -1.38
C SER A 176 9.40 0.06 -2.09
N TYR A 177 9.03 -1.14 -1.62
CA TYR A 177 7.98 -1.88 -2.30
C TYR A 177 6.65 -1.16 -2.08
N TRP A 178 6.42 -0.71 -0.85
CA TRP A 178 5.23 0.05 -0.55
C TRP A 178 5.19 1.37 -1.31
N ALA A 179 6.35 2.03 -1.41
CA ALA A 179 6.47 3.24 -2.20
C ALA A 179 6.10 2.97 -3.65
N ALA A 180 6.59 1.86 -4.20
CA ALA A 180 6.27 1.55 -5.59
C ALA A 180 4.76 1.29 -5.78
N TRP A 181 4.10 0.70 -4.80
CA TRP A 181 2.63 0.56 -4.87
C TRP A 181 1.97 1.95 -4.90
N SER A 182 2.39 2.85 -4.03
CA SER A 182 1.81 4.18 -4.00
C SER A 182 1.98 4.88 -5.33
N VAL A 183 3.14 4.67 -5.95
CA VAL A 183 3.41 5.30 -7.23
C VAL A 183 2.66 4.63 -8.39
N MET A 184 2.51 3.31 -8.35
CA MET A 184 1.66 2.60 -9.32
C MET A 184 0.20 3.05 -9.26
N SER A 185 -0.32 3.07 -8.05
CA SER A 185 -1.69 3.56 -7.83
C SER A 185 -1.85 4.97 -8.40
N THR A 186 -0.92 5.86 -8.04
CA THR A 186 -0.95 7.22 -8.54
C THR A 186 -0.85 7.23 -10.06
N ALA A 187 0.03 6.38 -10.61
CA ALA A 187 0.21 6.35 -12.05
C ALA A 187 -1.10 6.11 -12.78
N VAL A 188 -1.92 5.19 -12.28
CA VAL A 188 -3.13 4.82 -12.98
C VAL A 188 -4.21 5.88 -12.79
N VAL A 189 -4.29 6.45 -11.60
CA VAL A 189 -5.23 7.55 -11.33
C VAL A 189 -4.93 8.72 -12.25
N THR A 190 -3.65 9.02 -12.43
CA THR A 190 -3.20 10.23 -13.13
C THR A 190 -2.79 10.00 -14.58
N ASN A 191 -2.84 8.73 -15.01
CA ASN A 191 -2.41 8.32 -16.34
C ASN A 191 -0.98 8.79 -16.63
N ARG A 192 -0.09 8.55 -15.69
CA ARG A 192 1.32 8.95 -15.80
C ARG A 192 2.22 7.74 -16.04
N ARG A 193 2.64 7.58 -17.28
CA ARG A 193 3.47 6.44 -17.69
CA ARG A 193 3.46 6.42 -17.67
C ARG A 193 4.82 6.42 -16.97
N ASP A 194 5.37 7.61 -16.67
CA ASP A 194 6.67 7.66 -16.02
C ASP A 194 6.61 7.08 -14.61
N LEU A 195 5.52 7.36 -13.90
CA LEU A 195 5.34 6.79 -12.58
C LEU A 195 5.13 5.27 -12.67
N PHE A 196 4.30 4.84 -13.64
CA PHE A 196 4.08 3.43 -13.90
C PHE A 196 5.41 2.71 -14.11
N ASP A 197 6.26 3.30 -14.95
CA ASP A 197 7.53 2.68 -15.29
C ASP A 197 8.44 2.54 -14.07
N TRP A 198 8.42 3.54 -13.20
CA TRP A 198 9.23 3.47 -12.00
C TRP A 198 8.78 2.34 -11.09
N ALA A 199 7.47 2.19 -10.92
CA ALA A 199 6.93 1.14 -10.07
C ALA A 199 7.29 -0.24 -10.60
N VAL A 200 7.20 -0.41 -11.91
CA VAL A 200 7.59 -1.67 -12.56
C VAL A 200 9.08 -1.96 -12.32
N SER A 201 9.93 -0.94 -12.44
CA SER A 201 11.37 -1.12 -12.23
C SER A 201 11.65 -1.55 -10.79
N GLU A 202 10.91 -0.98 -9.85
CA GLU A 202 11.10 -1.32 -8.45
C GLU A 202 10.63 -2.76 -8.17
N PHE A 203 9.53 -3.18 -8.78
CA PHE A 203 9.12 -4.57 -8.66
C PHE A 203 10.24 -5.49 -9.12
N LYS A 204 10.84 -5.16 -10.27
CA LYS A 204 11.87 -6.04 -10.83
C LYS A 204 13.08 -6.13 -9.90
N VAL A 205 13.42 -5.02 -9.24
CA VAL A 205 14.47 -5.07 -8.25
C VAL A 205 14.08 -6.04 -7.13
N ALA A 206 12.86 -5.89 -6.62
CA ALA A 206 12.41 -6.78 -5.56
C ALA A 206 12.44 -8.25 -5.97
N ALA A 207 11.98 -8.53 -7.19
CA ALA A 207 11.94 -9.91 -7.68
C ALA A 207 13.34 -10.50 -7.65
N ASN A 208 14.32 -9.68 -7.99
CA ASN A 208 15.69 -10.17 -8.05
C ASN A 208 16.37 -10.21 -6.68
N GLN A 209 15.74 -9.60 -5.68
CA GLN A 209 16.18 -9.73 -4.30
C GLN A 209 15.69 -11.03 -3.64
N VAL A 210 14.67 -11.67 -4.21
CA VAL A 210 14.15 -12.91 -3.65
C VAL A 210 15.15 -14.02 -3.97
N ASP A 211 15.75 -14.62 -2.94
CA ASP A 211 16.83 -15.58 -3.22
C ASP A 211 16.26 -16.93 -3.65
N GLU A 212 17.16 -17.90 -3.84
CA GLU A 212 16.77 -19.19 -4.39
C GLU A 212 15.81 -19.97 -3.51
N GLN A 213 15.73 -19.60 -2.22
CA GLN A 213 14.81 -20.25 -1.30
C GLN A 213 13.53 -19.45 -1.03
N GLY A 214 13.49 -18.22 -1.53
CA GLY A 214 12.30 -17.39 -1.35
C GLY A 214 12.43 -16.36 -0.25
N PHE A 215 13.65 -16.15 0.24
CA PHE A 215 13.90 -15.18 1.29
C PHE A 215 14.39 -13.84 0.76
N LEU A 216 14.12 -12.78 1.52
CA LEU A 216 14.63 -11.46 1.22
C LEU A 216 15.67 -11.08 2.27
N PRO A 217 16.94 -10.95 1.85
CA PRO A 217 18.05 -10.63 2.76
C PRO A 217 17.76 -9.47 3.70
N ASN A 218 17.21 -8.38 3.19
CA ASN A 218 16.99 -7.20 4.03
C ASN A 218 15.87 -7.41 5.05
N GLU A 219 14.96 -8.34 4.78
CA GLU A 219 13.89 -8.64 5.74
C GLU A 219 14.37 -9.68 6.75
N LEU A 220 15.26 -10.57 6.32
CA LEU A 220 15.90 -11.52 7.23
C LEU A 220 16.68 -10.80 8.33
N LYS A 221 17.19 -9.62 8.01
CA LYS A 221 17.96 -8.84 8.97
C LYS A 221 17.11 -8.36 10.16
N ARG A 222 15.79 -8.48 10.04
CA ARG A 222 14.90 -8.01 11.10
C ARG A 222 14.69 -9.09 12.17
N ARG A 223 15.49 -10.16 12.07
CA ARG A 223 15.58 -11.20 13.11
C ARG A 223 14.26 -11.88 13.47
N GLN A 224 13.73 -11.59 14.65
CA GLN A 224 12.51 -12.27 15.09
C GLN A 224 11.28 -11.70 14.37
N ARG A 225 11.45 -10.56 13.71
CA ARG A 225 10.36 -10.01 12.91
C ARG A 225 10.53 -10.35 11.42
N ALA A 226 11.46 -11.24 11.10
CA ALA A 226 11.75 -11.56 9.71
C ALA A 226 10.54 -12.09 8.94
N LEU A 227 9.84 -13.09 9.50
CA LEU A 227 8.68 -13.66 8.83
C LEU A 227 7.60 -12.59 8.62
N ALA A 228 7.36 -11.80 9.66
CA ALA A 228 6.37 -10.73 9.59
C ALA A 228 6.72 -9.73 8.48
N TYR A 229 7.99 -9.42 8.31
CA TYR A 229 8.36 -8.43 7.30
C TYR A 229 8.38 -9.03 5.89
N HIS A 230 8.60 -10.34 5.76
CA HIS A 230 8.41 -11.00 4.47
C HIS A 230 6.93 -10.92 4.06
N ASN A 231 6.05 -11.17 5.01
CA ASN A 231 4.63 -11.12 4.74
C ASN A 231 4.18 -9.70 4.41
N TYR A 232 4.85 -8.72 5.01
CA TYR A 232 4.57 -7.31 4.78
C TYR A 232 5.01 -6.87 3.38
N ALA A 233 6.01 -7.55 2.81
CA ALA A 233 6.45 -7.26 1.46
C ALA A 233 5.44 -7.68 0.40
N LEU A 234 4.66 -8.70 0.70
CA LEU A 234 3.80 -9.29 -0.32
C LEU A 234 2.68 -8.37 -0.87
N PRO A 235 1.93 -7.66 0.01
CA PRO A 235 0.84 -6.88 -0.60
C PRO A 235 1.26 -5.84 -1.66
N PRO A 236 2.27 -4.99 -1.40
CA PRO A 236 2.55 -4.03 -2.49
C PRO A 236 3.10 -4.71 -3.74
N LEU A 237 3.90 -5.76 -3.59
CA LEU A 237 4.46 -6.44 -4.75
C LEU A 237 3.35 -7.12 -5.58
N ALA A 238 2.40 -7.76 -4.91
CA ALA A 238 1.32 -8.44 -5.63
C ALA A 238 0.40 -7.41 -6.30
N MET A 239 0.14 -6.28 -5.63
CA MET A 239 -0.68 -5.24 -6.23
C MET A 239 0.01 -4.66 -7.47
N ILE A 240 1.31 -4.37 -7.36
CA ILE A 240 2.04 -3.87 -8.53
C ILE A 240 1.96 -4.83 -9.70
N ALA A 241 2.17 -6.11 -9.46
CA ALA A 241 2.12 -7.10 -10.53
C ALA A 241 0.72 -7.22 -11.14
N ALA A 242 -0.34 -7.17 -10.31
CA ALA A 242 -1.70 -7.24 -10.81
C ALA A 242 -2.03 -6.02 -11.68
N PHE A 243 -1.58 -4.84 -11.24
CA PHE A 243 -1.82 -3.60 -11.99
C PHE A 243 -1.01 -3.60 -13.28
N ALA A 244 0.26 -3.99 -13.19
CA ALA A 244 1.10 -4.04 -14.38
C ALA A 244 0.51 -4.99 -15.43
N GLN A 245 0.00 -6.14 -14.99
CA GLN A 245 -0.49 -7.16 -15.91
C GLN A 245 -1.57 -6.63 -16.85
N VAL A 246 -2.56 -5.91 -16.30
CA VAL A 246 -3.65 -5.45 -17.16
C VAL A 246 -3.23 -4.26 -18.04
N ASN A 247 -2.02 -3.75 -17.81
CA ASN A 247 -1.48 -2.69 -18.66
C ASN A 247 -0.42 -3.21 -19.62
N GLY A 248 -0.39 -4.53 -19.78
CA GLY A 248 0.46 -5.15 -20.78
C GLY A 248 1.86 -5.52 -20.33
N VAL A 249 2.09 -5.50 -19.03
CA VAL A 249 3.41 -5.85 -18.50
C VAL A 249 3.29 -7.02 -17.54
N ASP A 250 3.74 -8.18 -17.99
CA ASP A 250 3.64 -9.39 -17.20
C ASP A 250 4.91 -9.61 -16.39
N LEU A 251 4.79 -9.49 -15.07
CA LEU A 251 5.93 -9.57 -14.17
C LEU A 251 5.97 -10.87 -13.38
N ARG A 252 5.06 -11.80 -13.68
CA ARG A 252 4.90 -13.00 -12.87
C ARG A 252 6.10 -13.93 -12.91
N GLN A 253 6.85 -13.87 -14.00
CA GLN A 253 7.96 -14.81 -14.14
C GLN A 253 9.31 -14.20 -13.81
N GLU A 254 9.30 -12.92 -13.39
CA GLU A 254 10.56 -12.27 -13.07
C GLU A 254 11.39 -13.05 -12.06
N ASN A 255 12.67 -13.23 -12.36
CA ASN A 255 13.60 -14.03 -11.55
C ASN A 255 13.00 -15.37 -11.15
N HIS A 256 12.67 -16.17 -12.16
CA HIS A 256 12.17 -17.54 -11.98
C HIS A 256 10.93 -17.59 -11.10
N GLY A 257 10.00 -16.70 -11.40
CA GLY A 257 8.75 -16.60 -10.65
C GLY A 257 8.96 -16.25 -9.19
N ALA A 258 9.77 -15.22 -8.95
CA ALA A 258 10.12 -14.81 -7.60
C ALA A 258 8.92 -14.45 -6.71
N LEU A 259 7.89 -13.83 -7.26
CA LEU A 259 6.76 -13.44 -6.44
C LEU A 259 6.08 -14.69 -5.87
N GLN A 260 5.94 -15.72 -6.70
CA GLN A 260 5.41 -16.99 -6.23
C GLN A 260 6.35 -17.67 -5.22
N ARG A 261 7.64 -17.62 -5.47
CA ARG A 261 8.60 -18.23 -4.57
C ARG A 261 8.57 -17.58 -3.19
N LEU A 262 8.46 -16.26 -3.15
CA LEU A 262 8.32 -15.55 -1.88
C LEU A 262 7.02 -15.90 -1.16
N ALA A 263 5.91 -15.89 -1.89
CA ALA A 263 4.61 -16.17 -1.28
C ALA A 263 4.57 -17.56 -0.65
N GLU A 264 5.16 -18.54 -1.34
CA GLU A 264 5.10 -19.91 -0.86
C GLU A 264 6.02 -20.09 0.36
N ARG A 265 7.16 -19.42 0.36
CA ARG A 265 8.05 -19.44 1.51
C ARG A 265 7.38 -18.83 2.73
N VAL A 266 6.70 -17.72 2.53
CA VAL A 266 6.00 -17.08 3.62
C VAL A 266 4.94 -18.02 4.20
N MET A 267 4.13 -18.61 3.33
CA MET A 267 3.02 -19.43 3.80
C MET A 267 3.53 -20.73 4.44
N LYS A 268 4.69 -21.20 3.99
CA LYS A 268 5.34 -22.33 4.64
C LYS A 268 5.75 -21.93 6.06
N GLY A 269 6.31 -20.73 6.20
CA GLY A 269 6.77 -20.24 7.48
C GLY A 269 5.65 -19.95 8.46
N VAL A 270 4.48 -19.56 7.94
CA VAL A 270 3.32 -19.29 8.78
C VAL A 270 2.84 -20.58 9.43
N ASP A 271 2.78 -21.64 8.63
CA ASP A 271 2.47 -22.98 9.13
C ASP A 271 3.53 -23.47 10.10
N ASP A 272 4.76 -23.59 9.60
CA ASP A 272 5.88 -24.02 10.42
C ASP A 272 6.99 -22.99 10.42
N GLU A 273 7.20 -22.38 11.58
CA GLU A 273 8.15 -21.29 11.78
C GLU A 273 9.62 -21.72 11.58
N GLU A 274 9.84 -23.03 11.46
CA GLU A 274 11.18 -23.63 11.46
C GLU A 274 12.20 -22.98 10.52
N THR A 275 11.89 -22.94 9.23
CA THR A 275 12.87 -22.47 8.24
C THR A 275 13.31 -21.03 8.47
N PHE A 276 12.45 -20.22 9.08
CA PHE A 276 12.81 -18.83 9.36
C PHE A 276 13.68 -18.72 10.61
N GLU A 277 13.39 -19.55 11.61
CA GLU A 277 14.23 -19.61 12.80
C GLU A 277 15.62 -20.11 12.42
N GLU A 278 15.66 -21.12 11.57
CA GLU A 278 16.92 -21.70 11.09
C GLU A 278 17.74 -20.65 10.36
N LYS A 279 17.08 -19.83 9.55
CA LYS A 279 17.76 -18.82 8.75
C LYS A 279 18.19 -17.62 9.60
N THR A 280 17.36 -17.23 10.56
CA THR A 280 17.65 -16.06 11.39
C THR A 280 18.40 -16.38 12.68
N GLY A 281 18.21 -17.58 13.21
CA GLY A 281 18.77 -17.94 14.49
C GLY A 281 17.99 -17.31 15.64
N GLU A 282 16.73 -16.98 15.38
CA GLU A 282 15.84 -16.47 16.43
C GLU A 282 14.40 -16.92 16.18
N ASP A 283 13.74 -17.33 17.26
CA ASP A 283 12.34 -17.73 17.19
C ASP A 283 11.51 -16.53 16.73
N GLN A 284 10.60 -16.77 15.79
CA GLN A 284 9.88 -15.68 15.14
C GLN A 284 8.69 -15.19 15.95
N ASP A 285 8.59 -13.87 16.07
CA ASP A 285 7.40 -13.23 16.62
C ASP A 285 6.22 -13.45 15.66
N MET A 286 5.26 -14.28 16.07
CA MET A 286 4.16 -14.66 15.19
C MET A 286 2.97 -13.72 15.28
N THR A 287 3.11 -12.65 16.07
CA THR A 287 2.01 -11.73 16.34
C THR A 287 1.28 -11.22 15.10
N ASP A 288 2.02 -10.68 14.15
CA ASP A 288 1.42 -10.12 12.93
C ASP A 288 0.85 -11.21 12.03
N LEU A 289 1.39 -12.42 12.11
CA LEU A 289 0.95 -13.50 11.24
C LEU A 289 -0.42 -14.04 11.67
N LYS A 290 -0.88 -13.61 12.83
CA LYS A 290 -2.18 -14.05 13.33
C LYS A 290 -3.30 -13.11 12.89
N VAL A 291 -2.92 -12.01 12.25
CA VAL A 291 -3.85 -10.96 11.84
C VAL A 291 -4.37 -11.16 10.42
N ASP A 292 -5.68 -11.44 10.30
CA ASP A 292 -6.27 -11.83 9.02
C ASP A 292 -6.04 -10.85 7.88
N ASN A 293 -6.17 -9.55 8.15
CA ASN A 293 -6.08 -8.57 7.08
C ASN A 293 -4.66 -8.34 6.56
N LYS A 294 -3.68 -8.92 7.23
CA LYS A 294 -2.31 -8.86 6.76
C LYS A 294 -2.05 -9.88 5.66
N TYR A 295 -3.09 -10.62 5.27
CA TYR A 295 -2.97 -11.56 4.17
C TYR A 295 -3.76 -11.08 2.96
N ALA A 296 -4.09 -9.78 2.94
CA ALA A 296 -4.85 -9.20 1.85
C ALA A 296 -4.16 -9.39 0.49
N TRP A 297 -2.85 -9.63 0.51
CA TRP A 297 -2.11 -9.89 -0.73
C TRP A 297 -2.63 -11.11 -1.50
N LEU A 298 -3.36 -11.99 -0.82
CA LEU A 298 -3.92 -13.14 -1.49
C LEU A 298 -4.92 -12.76 -2.60
N GLU A 299 -5.54 -11.59 -2.51
CA GLU A 299 -6.50 -11.20 -3.54
C GLU A 299 -5.79 -10.89 -4.88
N PRO A 300 -4.85 -9.94 -4.91
CA PRO A 300 -4.15 -9.79 -6.20
C PRO A 300 -3.32 -11.04 -6.58
N TYR A 301 -2.71 -11.70 -5.60
CA TYR A 301 -1.90 -12.89 -5.87
C TYR A 301 -2.68 -13.96 -6.60
N CYS A 302 -3.89 -14.25 -6.13
CA CYS A 302 -4.66 -15.32 -6.75
C CYS A 302 -5.35 -14.85 -8.03
N ALA A 303 -5.32 -13.54 -8.30
CA ALA A 303 -5.72 -13.02 -9.61
C ALA A 303 -4.61 -13.26 -10.64
N LEU A 304 -3.38 -13.34 -10.15
CA LEU A 304 -2.21 -13.48 -11.01
C LEU A 304 -1.85 -14.93 -11.28
N TYR A 305 -1.91 -15.73 -10.23
CA TYR A 305 -1.47 -17.11 -10.27
C TYR A 305 -2.63 -18.07 -10.11
N ARG A 306 -2.46 -19.29 -10.59
CA ARG A 306 -3.41 -20.35 -10.31
C ARG A 306 -3.15 -20.85 -8.90
N CYS A 307 -3.96 -20.40 -7.95
CA CYS A 307 -3.72 -20.71 -6.55
C CYS A 307 -4.08 -22.15 -6.22
N GLU A 308 -3.13 -22.85 -5.61
CA GLU A 308 -3.33 -24.22 -5.15
C GLU A 308 -4.35 -24.22 -4.00
N PRO A 309 -4.96 -25.38 -3.72
CA PRO A 309 -6.01 -25.45 -2.69
C PRO A 309 -5.62 -24.85 -1.34
N LYS A 310 -4.37 -25.04 -0.92
CA LYS A 310 -3.90 -24.45 0.34
C LYS A 310 -4.03 -22.94 0.29
N MET A 311 -3.59 -22.36 -0.82
CA MET A 311 -3.61 -20.91 -1.00
C MET A 311 -5.05 -20.40 -1.08
N LEU A 312 -5.86 -21.07 -1.89
CA LEU A 312 -7.28 -20.71 -2.01
C LEU A 312 -7.99 -20.76 -0.67
N GLU A 313 -7.66 -21.78 0.12
CA GLU A 313 -8.26 -21.95 1.42
C GLU A 313 -7.84 -20.82 2.34
N ALA A 314 -6.57 -20.44 2.27
CA ALA A 314 -6.03 -19.34 3.05
C ALA A 314 -6.77 -18.04 2.76
N LYS A 315 -7.13 -17.84 1.50
CA LYS A 315 -7.84 -16.66 1.08
C LYS A 315 -9.30 -16.70 1.55
N LYS A 316 -9.97 -17.81 1.28
CA LYS A 316 -11.40 -17.93 1.59
C LYS A 316 -11.64 -17.76 3.09
N ASP A 317 -10.75 -18.32 3.91
CA ASP A 317 -10.94 -18.31 5.36
C ASP A 317 -10.75 -16.93 6.00
N ARG A 318 -10.19 -15.99 5.25
CA ARG A 318 -9.90 -14.67 5.81
C ARG A 318 -10.67 -13.55 5.14
N GLU A 319 -11.36 -13.86 4.05
CA GLU A 319 -12.19 -12.87 3.38
C GLU A 319 -13.38 -12.44 4.23
N PRO A 320 -13.81 -11.17 4.10
CA PRO A 320 -13.26 -10.18 3.17
C PRO A 320 -12.07 -9.43 3.74
N PHE A 321 -11.17 -9.01 2.85
CA PHE A 321 -10.01 -8.24 3.28
C PHE A 321 -10.27 -6.74 3.22
N ASN A 322 -9.94 -6.06 4.30
CA ASN A 322 -9.94 -4.61 4.37
C ASN A 322 -8.56 -4.15 4.78
N SER A 323 -7.98 -3.26 4.00
CA SER A 323 -6.63 -2.78 4.26
C SER A 323 -6.53 -1.34 3.75
N PHE A 324 -6.51 -0.37 4.66
CA PHE A 324 -6.61 1.01 4.20
C PHE A 324 -5.38 1.43 3.40
N ARG A 325 -4.23 0.84 3.69
CA ARG A 325 -3.02 1.18 2.95
C ARG A 325 -3.12 0.71 1.49
N LEU A 326 -4.04 -0.21 1.20
CA LEU A 326 -4.24 -0.62 -0.19
C LEU A 326 -5.47 0.03 -0.81
N GLY A 327 -6.09 0.94 -0.06
CA GLY A 327 -7.26 1.68 -0.54
C GLY A 327 -8.58 1.22 0.04
N GLY A 328 -8.55 0.28 0.98
CA GLY A 328 -9.80 -0.21 1.59
C GLY A 328 -10.19 -1.64 1.26
N GLU A 329 -11.29 -1.79 0.51
CA GLU A 329 -11.89 -3.12 0.25
C GLU A 329 -11.23 -3.97 -0.83
N VAL A 330 -10.13 -4.63 -0.47
CA VAL A 330 -9.33 -5.36 -1.44
C VAL A 330 -10.08 -6.54 -2.09
N THR A 331 -10.85 -7.25 -1.29
CA THR A 331 -11.62 -8.39 -1.80
C THR A 331 -12.62 -7.93 -2.85
N ARG A 332 -13.33 -6.83 -2.59
CA ARG A 332 -14.32 -6.36 -3.53
C ARG A 332 -13.73 -5.99 -4.89
N VAL A 333 -12.54 -5.38 -4.91
CA VAL A 333 -11.98 -4.96 -6.20
C VAL A 333 -11.28 -6.09 -6.95
N PHE A 334 -11.17 -7.27 -6.34
CA PHE A 334 -10.64 -8.44 -7.06
C PHE A 334 -11.66 -9.56 -7.18
N SER A 335 -12.91 -9.25 -6.88
CA SER A 335 -13.99 -10.22 -6.99
C SER A 335 -14.94 -9.85 -8.13
#